data_5H1I
#
_entry.id   5H1I
#
_entity_poly.entity_id   1
_entity_poly.type   'polypeptide(L)'
_entity_poly.pdbx_seq_one_letter_code
;CKRPPGFSPLCTKSIPPI
;
_entity_poly.pdbx_strand_id   A
#
# COMPACT_ATOMS: atom_id res chain seq x y z
N CYS A 1 -3.25 -0.58 0.93
CA CYS A 1 -2.09 -1.42 1.23
C CYS A 1 -1.92 -2.52 0.18
N LYS A 2 -0.65 -2.94 0.00
CA LYS A 2 -0.26 -4.00 -0.97
C LYS A 2 -0.51 -3.56 -2.42
N ARG A 3 0.52 -3.67 -3.24
CA ARG A 3 0.44 -3.30 -4.66
C ARG A 3 0.98 -4.43 -5.55
N PRO A 4 0.55 -4.51 -6.86
CA PRO A 4 0.99 -5.56 -7.81
C PRO A 4 2.52 -5.92 -7.75
N PRO A 5 3.48 -4.93 -7.73
CA PRO A 5 4.93 -5.23 -7.68
C PRO A 5 5.38 -5.63 -6.27
N GLY A 6 6.22 -6.67 -6.19
CA GLY A 6 6.73 -7.14 -4.91
C GLY A 6 8.12 -6.63 -4.61
N PHE A 7 8.32 -5.32 -4.79
CA PHE A 7 9.62 -4.68 -4.54
C PHE A 7 9.45 -3.35 -3.80
N SER A 8 8.27 -2.75 -3.94
CA SER A 8 7.95 -1.47 -3.30
C SER A 8 6.57 -1.51 -2.58
N PRO A 9 6.23 -2.57 -1.75
CA PRO A 9 4.92 -2.63 -1.07
C PRO A 9 4.84 -1.69 0.14
N LEU A 10 3.97 -0.68 0.02
CA LEU A 10 3.76 0.31 1.08
C LEU A 10 2.25 0.61 1.22
N CYS A 11 1.92 1.53 2.15
CA CYS A 11 0.51 1.91 2.38
C CYS A 11 0.36 3.44 2.35
N THR A 12 -0.26 3.92 1.28
CA THR A 12 -0.51 5.36 1.10
C THR A 12 -2.02 5.65 1.16
N LYS A 13 -2.35 6.96 1.17
CA LYS A 13 -3.74 7.44 1.25
C LYS A 13 -4.38 7.00 2.57
N SER A 14 -4.39 7.91 3.54
CA SER A 14 -4.96 7.65 4.86
C SER A 14 -6.49 7.77 4.88
N ILE A 15 -7.08 8.35 3.83
CA ILE A 15 -8.54 8.51 3.75
C ILE A 15 -9.07 8.32 2.29
N PRO A 16 -9.48 7.08 1.89
CA PRO A 16 -9.46 5.85 2.73
C PRO A 16 -8.06 5.19 2.73
N PRO A 17 -7.79 4.08 3.51
CA PRO A 17 -6.45 3.46 3.54
C PRO A 17 -6.23 2.45 2.39
N ILE A 18 -4.98 2.37 1.94
CA ILE A 18 -4.59 1.45 0.87
C ILE A 18 -3.31 0.71 1.26
N CYS A 1 -3.38 -1.24 1.08
CA CYS A 1 -2.08 -1.61 1.66
C CYS A 1 -1.74 -3.06 1.37
N LYS A 2 -0.42 -3.37 1.39
CA LYS A 2 0.11 -4.72 1.12
C LYS A 2 -0.15 -5.15 -0.34
N ARG A 3 0.86 -4.98 -1.18
CA ARG A 3 0.77 -5.34 -2.60
C ARG A 3 2.01 -6.13 -3.03
N PRO A 4 1.86 -7.46 -3.35
CA PRO A 4 2.99 -8.32 -3.77
C PRO A 4 3.85 -7.75 -4.94
N PRO A 5 3.25 -7.17 -6.04
CA PRO A 5 4.03 -6.63 -7.17
C PRO A 5 4.54 -5.21 -6.91
N GLY A 6 5.83 -5.10 -6.56
CA GLY A 6 6.45 -3.82 -6.30
C GLY A 6 7.85 -3.96 -5.74
N PHE A 7 7.95 -3.86 -4.40
CA PHE A 7 9.23 -3.98 -3.69
C PHE A 7 9.01 -4.52 -2.28
N SER A 8 8.20 -3.79 -1.50
CA SER A 8 7.86 -4.16 -0.12
C SER A 8 6.41 -3.75 0.21
N PRO A 9 5.79 -4.17 1.39
CA PRO A 9 4.40 -3.79 1.72
C PRO A 9 4.30 -2.41 2.39
N LEU A 10 3.80 -1.43 1.63
CA LEU A 10 3.65 -0.05 2.12
C LEU A 10 2.35 0.57 1.60
N CYS A 11 1.78 1.49 2.40
CA CYS A 11 0.54 2.19 2.03
C CYS A 11 0.68 3.70 2.22
N THR A 12 -0.33 4.45 1.75
CA THR A 12 -0.35 5.91 1.85
C THR A 12 -0.66 6.38 3.28
N LYS A 13 -0.42 7.67 3.54
CA LYS A 13 -0.65 8.26 4.86
C LYS A 13 -1.93 9.12 4.87
N SER A 14 -3.07 8.47 4.61
CA SER A 14 -4.37 9.14 4.60
C SER A 14 -5.38 8.42 5.48
N ILE A 15 -5.45 7.09 5.32
CA ILE A 15 -6.36 6.25 6.10
C ILE A 15 -5.64 4.96 6.56
N PRO A 16 -5.02 4.14 5.63
CA PRO A 16 -4.99 4.37 4.17
C PRO A 16 -6.11 3.61 3.42
N PRO A 17 -6.25 3.73 2.04
CA PRO A 17 -7.31 3.01 1.30
C PRO A 17 -6.89 1.60 0.88
N ILE A 18 -5.62 1.46 0.50
CA ILE A 18 -5.05 0.19 0.05
C ILE A 18 -3.65 0.00 0.66
N CYS A 1 -3.02 -0.44 0.86
CA CYS A 1 -1.76 -1.12 1.14
C CYS A 1 -1.45 -2.17 0.07
N LYS A 2 -0.14 -2.34 -0.20
CA LYS A 2 0.38 -3.32 -1.20
C LYS A 2 -0.20 -3.06 -2.59
N ARG A 3 0.66 -2.53 -3.49
CA ARG A 3 0.26 -2.24 -4.87
C ARG A 3 1.34 -2.66 -5.90
N PRO A 4 2.67 -2.31 -5.69
CA PRO A 4 3.73 -2.69 -6.64
C PRO A 4 4.20 -4.15 -6.46
N PRO A 5 4.07 -5.04 -7.51
CA PRO A 5 4.51 -6.44 -7.42
C PRO A 5 6.03 -6.58 -7.42
N GLY A 6 6.56 -7.31 -6.41
CA GLY A 6 7.99 -7.52 -6.29
C GLY A 6 8.68 -6.46 -5.44
N PHE A 7 7.90 -5.85 -4.52
CA PHE A 7 8.41 -4.79 -3.63
C PHE A 7 7.95 -5.03 -2.19
N SER A 8 8.43 -4.19 -1.26
CA SER A 8 8.07 -4.30 0.16
C SER A 8 6.64 -3.75 0.41
N PRO A 9 6.00 -3.93 1.63
CA PRO A 9 4.64 -3.42 1.88
C PRO A 9 4.60 -1.95 2.28
N LEU A 10 3.78 -1.18 1.56
CA LEU A 10 3.62 0.27 1.82
C LEU A 10 2.13 0.64 1.78
N CYS A 11 1.77 1.69 2.52
CA CYS A 11 0.39 2.16 2.57
C CYS A 11 0.29 3.66 2.31
N THR A 12 -0.46 3.99 1.25
CA THR A 12 -0.68 5.39 0.85
C THR A 12 -2.15 5.76 1.01
N LYS A 13 -2.42 7.08 0.98
CA LYS A 13 -3.78 7.63 1.14
C LYS A 13 -4.35 7.29 2.52
N SER A 14 -4.22 8.25 3.44
CA SER A 14 -4.71 8.10 4.82
C SER A 14 -6.21 7.79 4.91
N ILE A 15 -6.98 8.28 3.93
CA ILE A 15 -8.43 8.07 3.88
C ILE A 15 -8.94 8.01 2.41
N PRO A 16 -9.44 6.83 1.92
CA PRO A 16 -9.53 5.57 2.69
C PRO A 16 -8.15 4.87 2.80
N PRO A 17 -7.98 3.71 3.53
CA PRO A 17 -6.66 3.05 3.65
C PRO A 17 -6.34 2.12 2.47
N ILE A 18 -5.11 2.22 1.98
CA ILE A 18 -4.63 1.39 0.87
C ILE A 18 -3.25 0.83 1.23
N CYS A 1 -3.55 0.29 0.61
CA CYS A 1 -2.63 -0.56 1.38
C CYS A 1 -2.24 -1.77 0.55
N LYS A 2 -0.94 -2.16 0.64
CA LYS A 2 -0.38 -3.31 -0.11
C LYS A 2 -0.33 -3.02 -1.62
N ARG A 3 0.77 -3.44 -2.25
CA ARG A 3 0.97 -3.22 -3.69
C ARG A 3 1.37 -4.53 -4.39
N PRO A 4 1.18 -4.66 -5.76
CA PRO A 4 1.55 -5.88 -6.51
C PRO A 4 3.05 -6.26 -6.37
N PRO A 5 3.48 -7.50 -6.80
CA PRO A 5 4.89 -7.94 -6.69
C PRO A 5 5.88 -7.00 -7.39
N GLY A 6 7.11 -6.95 -6.88
CA GLY A 6 8.14 -6.09 -7.43
C GLY A 6 8.75 -5.16 -6.39
N PHE A 7 7.93 -4.77 -5.41
CA PHE A 7 8.36 -3.87 -4.33
C PHE A 7 7.98 -4.45 -2.96
N SER A 8 8.50 -3.83 -1.89
CA SER A 8 8.22 -4.27 -0.51
C SER A 8 6.79 -3.84 -0.07
N PRO A 9 6.23 -4.30 1.11
CA PRO A 9 4.86 -3.90 1.52
C PRO A 9 4.82 -2.55 2.23
N LEU A 10 4.03 -1.63 1.67
CA LEU A 10 3.87 -0.27 2.22
C LEU A 10 2.41 0.15 2.17
N CYS A 11 1.89 0.63 3.31
CA CYS A 11 0.50 1.08 3.41
C CYS A 11 0.41 2.46 4.04
N THR A 12 -0.62 3.21 3.64
CA THR A 12 -0.85 4.56 4.14
C THR A 12 -1.73 4.54 5.39
N LYS A 13 -3.05 4.36 5.19
CA LYS A 13 -4.05 4.32 6.27
C LYS A 13 -5.23 3.41 5.89
N SER A 14 -4.98 2.47 4.95
CA SER A 14 -5.99 1.50 4.45
C SER A 14 -7.06 2.20 3.60
N ILE A 15 -7.88 3.02 4.27
CA ILE A 15 -8.94 3.79 3.61
C ILE A 15 -9.14 5.14 4.33
N PRO A 16 -9.54 6.24 3.60
CA PRO A 16 -9.81 6.26 2.13
C PRO A 16 -8.62 5.87 1.20
N PRO A 17 -7.31 6.15 1.53
CA PRO A 17 -6.16 5.78 0.66
C PRO A 17 -6.07 4.26 0.35
N ILE A 18 -4.83 3.74 0.16
CA ILE A 18 -4.66 2.32 -0.18
C ILE A 18 -3.63 1.62 0.74
N CYS A 1 -2.91 0.45 0.65
CA CYS A 1 -2.13 -0.53 1.43
C CYS A 1 -1.85 -1.79 0.60
N LYS A 2 -1.71 -1.60 -0.72
CA LYS A 2 -1.45 -2.69 -1.65
C LYS A 2 -0.45 -2.27 -2.71
N ARG A 3 0.44 -3.21 -3.10
CA ARG A 3 1.47 -2.95 -4.11
C ARG A 3 1.65 -4.16 -5.04
N PRO A 4 2.23 -3.99 -6.28
CA PRO A 4 2.45 -5.10 -7.22
C PRO A 4 3.64 -5.99 -6.80
N PRO A 5 3.83 -7.21 -7.42
CA PRO A 5 4.95 -8.11 -7.08
C PRO A 5 6.32 -7.54 -7.43
N GLY A 6 7.27 -7.64 -6.50
CA GLY A 6 8.61 -7.12 -6.71
C GLY A 6 8.94 -5.92 -5.84
N PHE A 7 7.98 -5.50 -5.01
CA PHE A 7 8.16 -4.35 -4.11
C PHE A 7 7.72 -4.71 -2.69
N SER A 8 8.13 -3.86 -1.72
CA SER A 8 7.80 -4.08 -0.31
C SER A 8 6.39 -3.51 0.02
N PRO A 9 5.75 -3.78 1.22
CA PRO A 9 4.40 -3.26 1.53
C PRO A 9 4.41 -1.80 1.98
N LEU A 10 3.44 -1.03 1.45
CA LEU A 10 3.31 0.39 1.79
C LEU A 10 1.86 0.71 2.17
N CYS A 11 1.66 1.05 3.46
CA CYS A 11 0.34 1.40 3.99
C CYS A 11 0.43 2.62 4.90
N THR A 12 -0.52 3.54 4.76
CA THR A 12 -0.55 4.75 5.56
C THR A 12 -1.50 4.63 6.75
N LYS A 13 -2.76 4.32 6.45
CA LYS A 13 -3.81 4.17 7.48
C LYS A 13 -4.75 3.00 7.15
N SER A 14 -4.46 2.27 6.06
CA SER A 14 -5.24 1.11 5.57
C SER A 14 -6.58 1.53 4.94
N ILE A 15 -7.30 2.42 5.62
CA ILE A 15 -8.58 2.92 5.14
C ILE A 15 -8.74 4.43 5.46
N PRO A 16 -9.10 5.30 4.46
CA PRO A 16 -9.37 4.93 3.06
C PRO A 16 -8.22 5.15 2.00
N PRO A 17 -6.90 5.26 2.39
CA PRO A 17 -5.82 5.47 1.40
C PRO A 17 -5.46 4.17 0.64
N ILE A 18 -4.15 3.82 0.59
CA ILE A 18 -3.70 2.61 -0.11
C ILE A 18 -2.81 1.77 0.81
N CYS A 1 -4.24 -1.35 0.76
CA CYS A 1 -3.19 -2.34 1.03
C CYS A 1 -2.69 -2.97 -0.27
N LYS A 2 -1.39 -3.34 -0.26
CA LYS A 2 -0.69 -3.96 -1.42
C LYS A 2 -0.67 -3.00 -2.63
N ARG A 3 0.53 -2.52 -2.97
CA ARG A 3 0.70 -1.60 -4.09
C ARG A 3 1.82 -2.05 -5.06
N PRO A 4 3.07 -2.37 -4.58
CA PRO A 4 4.16 -2.79 -5.48
C PRO A 4 4.02 -4.24 -5.97
N PRO A 5 4.59 -4.61 -7.17
CA PRO A 5 4.49 -6.00 -7.70
C PRO A 5 5.30 -7.01 -6.90
N GLY A 6 6.28 -6.51 -6.13
CA GLY A 6 7.13 -7.38 -5.32
C GLY A 6 8.50 -6.79 -5.07
N PHE A 7 8.54 -5.65 -4.38
CA PHE A 7 9.81 -4.98 -4.05
C PHE A 7 9.88 -4.64 -2.57
N SER A 8 8.87 -3.91 -2.10
CA SER A 8 8.77 -3.50 -0.68
C SER A 8 7.29 -3.48 -0.23
N PRO A 9 6.96 -3.41 1.11
CA PRO A 9 5.56 -3.41 1.58
C PRO A 9 5.00 -1.99 1.78
N LEU A 10 3.89 -1.72 1.09
CA LEU A 10 3.20 -0.42 1.18
C LEU A 10 1.69 -0.63 1.11
N CYS A 11 0.96 -0.03 2.06
CA CYS A 11 -0.49 -0.17 2.10
C CYS A 11 -1.19 1.19 2.23
N THR A 12 -1.10 2.00 1.16
CA THR A 12 -1.74 3.32 1.11
C THR A 12 -1.85 3.82 -0.33
N LYS A 13 -2.87 4.67 -0.57
CA LYS A 13 -3.11 5.25 -1.89
C LYS A 13 -3.21 6.77 -1.78
N SER A 14 -4.24 7.22 -1.07
CA SER A 14 -4.50 8.65 -0.83
C SER A 14 -5.44 8.82 0.36
N ILE A 15 -6.69 8.40 0.17
CA ILE A 15 -7.75 8.47 1.20
C ILE A 15 -9.06 7.84 0.65
N PRO A 16 -9.68 6.84 1.36
CA PRO A 16 -9.19 6.26 2.64
C PRO A 16 -7.93 5.38 2.45
N PRO A 17 -7.39 4.65 3.50
CA PRO A 17 -6.19 3.79 3.34
C PRO A 17 -6.48 2.52 2.54
N ILE A 18 -5.42 1.94 1.97
CA ILE A 18 -5.52 0.73 1.16
C ILE A 18 -4.42 -0.28 1.56
N CYS A 1 -2.58 0.16 0.50
CA CYS A 1 -1.28 -0.16 1.07
C CYS A 1 -0.31 -0.66 -0.01
N LYS A 2 -0.54 -1.89 -0.45
CA LYS A 2 0.28 -2.53 -1.48
C LYS A 2 -0.33 -2.36 -2.86
N ARG A 3 0.53 -2.04 -3.84
CA ARG A 3 0.11 -1.85 -5.23
C ARG A 3 0.99 -2.67 -6.19
N PRO A 4 2.37 -2.69 -6.04
CA PRO A 4 3.26 -3.46 -6.92
C PRO A 4 3.29 -4.96 -6.55
N PRO A 5 3.94 -5.85 -7.38
CA PRO A 5 4.01 -7.31 -7.08
C PRO A 5 4.74 -7.64 -5.76
N GLY A 6 5.48 -6.67 -5.22
CA GLY A 6 6.21 -6.87 -3.98
C GLY A 6 7.60 -6.29 -4.01
N PHE A 7 7.69 -4.96 -3.83
CA PHE A 7 8.99 -4.26 -3.84
C PHE A 7 9.06 -3.22 -2.73
N SER A 8 7.93 -2.53 -2.50
CA SER A 8 7.84 -1.49 -1.47
C SER A 8 6.57 -1.65 -0.59
N PRO A 9 6.28 -2.87 0.01
CA PRO A 9 5.09 -3.08 0.86
C PRO A 9 5.00 -2.11 2.05
N LEU A 10 4.02 -1.19 1.99
CA LEU A 10 3.79 -0.19 3.03
C LEU A 10 2.30 0.18 3.10
N CYS A 11 1.92 0.99 4.11
CA CYS A 11 0.53 1.41 4.27
C CYS A 11 0.43 2.92 4.44
N THR A 12 -0.70 3.47 3.99
CA THR A 12 -0.97 4.89 4.07
C THR A 12 -1.86 5.19 5.28
N LYS A 13 -3.13 4.75 5.19
CA LYS A 13 -4.13 4.91 6.25
C LYS A 13 -5.17 3.77 6.18
N SER A 14 -4.97 2.82 5.25
CA SER A 14 -5.84 1.64 5.03
C SER A 14 -7.18 1.99 4.38
N ILE A 15 -7.81 3.06 4.87
CA ILE A 15 -9.11 3.52 4.36
C ILE A 15 -9.28 5.03 4.62
N PRO A 16 -9.72 5.87 3.61
CA PRO A 16 -10.04 5.43 2.21
C PRO A 16 -8.87 4.85 1.36
N PRO A 17 -7.56 5.29 1.51
CA PRO A 17 -6.42 4.76 0.70
C PRO A 17 -6.25 3.23 0.76
N ILE A 18 -5.06 2.76 0.34
CA ILE A 18 -4.73 1.34 0.31
C ILE A 18 -3.39 1.11 1.02
N CYS A 1 -4.24 -0.80 0.43
CA CYS A 1 -3.40 -1.99 0.59
C CYS A 1 -3.06 -2.61 -0.76
N LYS A 2 -1.92 -3.35 -0.81
CA LYS A 2 -1.42 -4.03 -2.02
C LYS A 2 -1.02 -3.03 -3.10
N ARG A 3 0.29 -2.94 -3.34
CA ARG A 3 0.85 -2.01 -4.34
C ARG A 3 1.87 -2.74 -5.23
N PRO A 4 2.19 -2.21 -6.47
CA PRO A 4 3.16 -2.84 -7.38
C PRO A 4 4.56 -3.03 -6.75
N PRO A 5 5.47 -3.86 -7.36
CA PRO A 5 6.83 -4.09 -6.82
C PRO A 5 7.68 -2.82 -6.74
N GLY A 6 8.29 -2.62 -5.56
CA GLY A 6 9.14 -1.45 -5.34
C GLY A 6 10.33 -1.76 -4.46
N PHE A 7 10.18 -1.55 -3.15
CA PHE A 7 11.25 -1.81 -2.18
C PHE A 7 10.71 -2.64 -1.00
N SER A 8 9.61 -2.17 -0.42
CA SER A 8 8.97 -2.84 0.72
C SER A 8 7.43 -2.71 0.62
N PRO A 9 6.59 -3.44 1.46
CA PRO A 9 5.12 -3.33 1.37
C PRO A 9 4.56 -2.16 2.17
N LEU A 10 3.57 -1.47 1.60
CA LEU A 10 2.93 -0.32 2.26
C LEU A 10 1.42 -0.41 2.15
N CYS A 11 0.73 -0.02 3.23
CA CYS A 11 -0.73 -0.05 3.27
C CYS A 11 -1.31 1.29 3.76
N THR A 12 -0.89 2.38 3.10
CA THR A 12 -1.37 3.73 3.45
C THR A 12 -1.26 4.68 2.26
N LYS A 13 -2.22 5.62 2.19
CA LYS A 13 -2.25 6.63 1.13
C LYS A 13 -2.65 7.98 1.71
N SER A 14 -3.92 8.10 2.10
CA SER A 14 -4.46 9.33 2.70
C SER A 14 -5.74 9.01 3.48
N ILE A 15 -6.83 8.75 2.75
CA ILE A 15 -8.14 8.42 3.32
C ILE A 15 -9.14 8.11 2.17
N PRO A 16 -9.84 6.93 2.19
CA PRO A 16 -9.73 5.87 3.22
C PRO A 16 -8.39 5.09 3.13
N PRO A 17 -8.14 3.97 3.92
CA PRO A 17 -6.87 3.22 3.85
C PRO A 17 -6.72 2.46 2.54
N ILE A 18 -5.47 2.13 2.20
CA ILE A 18 -5.14 1.40 0.97
C ILE A 18 -4.21 0.23 1.28
N CYS A 1 -4.07 -1.08 0.47
CA CYS A 1 -3.21 -2.27 0.63
C CYS A 1 -3.12 -3.05 -0.67
N LYS A 2 -1.94 -3.69 -0.88
CA LYS A 2 -1.64 -4.49 -2.09
C LYS A 2 -1.68 -3.65 -3.37
N ARG A 3 -0.51 -3.11 -3.73
CA ARG A 3 -0.36 -2.28 -4.94
C ARG A 3 0.98 -2.55 -5.66
N PRO A 4 2.16 -2.57 -4.96
CA PRO A 4 3.46 -2.82 -5.60
C PRO A 4 3.73 -4.32 -5.86
N PRO A 5 4.75 -4.69 -6.70
CA PRO A 5 5.06 -6.11 -6.99
C PRO A 5 5.78 -6.82 -5.84
N GLY A 6 6.56 -6.06 -5.07
CA GLY A 6 7.30 -6.60 -3.94
C GLY A 6 8.58 -5.83 -3.65
N PHE A 7 8.49 -4.50 -3.63
CA PHE A 7 9.63 -3.64 -3.36
C PHE A 7 9.26 -2.51 -2.39
N SER A 8 8.00 -2.09 -2.45
CA SER A 8 7.47 -1.02 -1.59
C SER A 8 6.10 -1.41 -0.97
N PRO A 9 5.93 -2.67 -0.39
CA PRO A 9 4.63 -3.08 0.20
C PRO A 9 4.25 -2.28 1.46
N LEU A 10 3.08 -1.62 1.38
CA LEU A 10 2.55 -0.82 2.47
C LEU A 10 1.04 -1.05 2.60
N CYS A 11 0.45 -0.61 3.72
CA CYS A 11 -0.98 -0.79 3.95
C CYS A 11 -1.67 0.53 4.36
N THR A 12 -1.12 1.65 3.90
CA THR A 12 -1.69 2.98 4.19
C THR A 12 -1.24 4.02 3.15
N LYS A 13 -2.07 5.04 2.94
CA LYS A 13 -1.80 6.12 2.01
C LYS A 13 -2.13 7.46 2.65
N SER A 14 -3.42 7.65 2.96
CA SER A 14 -3.93 8.86 3.60
C SER A 14 -5.27 8.57 4.29
N ILE A 15 -6.31 8.42 3.47
CA ILE A 15 -7.69 8.12 3.92
C ILE A 15 -8.63 7.99 2.70
N PRO A 16 -9.36 6.83 2.54
CA PRO A 16 -9.33 5.66 3.44
C PRO A 16 -8.00 4.85 3.31
N PRO A 17 -7.81 3.66 3.98
CA PRO A 17 -6.56 2.88 3.87
C PRO A 17 -6.40 2.19 2.52
N ILE A 18 -5.16 1.86 2.18
CA ILE A 18 -4.82 1.19 0.92
C ILE A 18 -3.86 0.03 1.17
N CYS A 1 -3.17 -1.03 1.46
CA CYS A 1 -1.87 -1.66 1.71
C CYS A 1 -1.62 -2.80 0.74
N LYS A 2 -0.35 -2.93 0.29
CA LYS A 2 0.08 -3.97 -0.66
C LYS A 2 -0.61 -3.82 -2.03
N ARG A 3 -0.05 -2.95 -2.87
CA ARG A 3 -0.58 -2.69 -4.20
C ARG A 3 0.54 -2.67 -5.27
N PRO A 4 1.65 -1.85 -5.10
CA PRO A 4 2.74 -1.79 -6.07
C PRO A 4 3.77 -2.93 -5.88
N PRO A 5 3.94 -3.86 -6.88
CA PRO A 5 4.92 -4.97 -6.78
C PRO A 5 6.38 -4.49 -6.80
N GLY A 6 7.15 -4.91 -5.79
CA GLY A 6 8.54 -4.51 -5.70
C GLY A 6 9.35 -5.47 -4.84
N PHE A 7 9.66 -5.04 -3.61
CA PHE A 7 10.43 -5.85 -2.66
C PHE A 7 9.83 -5.82 -1.26
N SER A 8 9.30 -4.66 -0.88
CA SER A 8 8.68 -4.48 0.44
C SER A 8 7.22 -3.96 0.28
N PRO A 9 6.36 -3.91 1.36
CA PRO A 9 4.96 -3.43 1.23
C PRO A 9 4.84 -1.90 1.32
N LEU A 10 3.82 -1.36 0.64
CA LEU A 10 3.58 0.08 0.63
C LEU A 10 2.10 0.38 0.89
N CYS A 11 1.84 1.45 1.64
CA CYS A 11 0.47 1.85 1.97
C CYS A 11 0.25 3.33 1.67
N THR A 12 -0.81 3.61 0.91
CA THR A 12 -1.17 4.98 0.53
C THR A 12 -2.16 5.59 1.53
N LYS A 13 -2.44 6.90 1.39
CA LYS A 13 -3.35 7.60 2.32
C LYS A 13 -4.66 8.02 1.67
N SER A 14 -4.67 8.20 0.34
CA SER A 14 -5.88 8.62 -0.37
C SER A 14 -6.31 7.57 -1.41
N ILE A 15 -7.17 6.64 -0.97
CA ILE A 15 -7.68 5.56 -1.85
C ILE A 15 -9.16 5.20 -1.54
N PRO A 16 -9.68 5.26 -0.25
CA PRO A 16 -8.96 5.70 0.98
C PRO A 16 -7.93 4.64 1.48
N PRO A 17 -7.19 4.83 2.66
CA PRO A 17 -6.16 3.89 3.16
C PRO A 17 -6.16 2.48 2.57
N ILE A 18 -5.01 2.11 2.00
CA ILE A 18 -4.80 0.80 1.39
C ILE A 18 -3.40 0.27 1.70
N CYS A 1 -2.84 1.29 0.23
CA CYS A 1 -1.38 1.40 0.35
C CYS A 1 -0.79 1.89 -0.98
N LYS A 2 -0.29 0.95 -1.79
CA LYS A 2 0.30 1.25 -3.10
C LYS A 2 0.02 0.09 -4.06
N ARG A 3 0.24 -1.13 -3.56
CA ARG A 3 0.03 -2.37 -4.32
C ARG A 3 -0.34 -3.52 -3.37
N PRO A 4 -0.95 -4.65 -3.87
CA PRO A 4 -1.32 -5.80 -3.01
C PRO A 4 -0.14 -6.34 -2.17
N PRO A 5 -0.41 -7.11 -1.07
CA PRO A 5 0.66 -7.66 -0.18
C PRO A 5 1.71 -8.49 -0.93
N GLY A 6 2.99 -8.15 -0.70
CA GLY A 6 4.09 -8.85 -1.33
C GLY A 6 5.22 -9.17 -0.37
N PHE A 7 6.28 -8.36 -0.41
CA PHE A 7 7.44 -8.53 0.46
C PHE A 7 7.90 -7.22 1.08
N SER A 8 7.81 -6.13 0.30
CA SER A 8 8.22 -4.80 0.75
C SER A 8 7.16 -3.71 0.41
N PRO A 9 5.81 -3.95 0.60
CA PRO A 9 4.78 -2.94 0.29
C PRO A 9 4.65 -1.87 1.38
N LEU A 10 4.50 -0.61 0.94
CA LEU A 10 4.35 0.52 1.85
C LEU A 10 2.88 0.93 1.95
N CYS A 11 2.48 1.44 3.13
CA CYS A 11 1.10 1.85 3.36
C CYS A 11 1.02 3.25 3.96
N THR A 12 -0.15 3.89 3.78
CA THR A 12 -0.40 5.25 4.29
C THR A 12 -0.83 5.24 5.75
N LYS A 13 -1.88 4.46 6.04
CA LYS A 13 -2.44 4.32 7.38
C LYS A 13 -2.88 2.88 7.67
N SER A 14 -2.87 2.04 6.61
CA SER A 14 -3.27 0.60 6.66
C SER A 14 -4.77 0.41 6.82
N ILE A 15 -5.39 1.19 7.71
CA ILE A 15 -6.82 1.11 7.97
C ILE A 15 -7.42 2.53 8.22
N PRO A 16 -8.56 2.91 7.55
CA PRO A 16 -9.30 2.09 6.56
C PRO A 16 -9.00 2.36 5.04
N PRO A 17 -7.89 3.07 4.61
CA PRO A 17 -7.63 3.33 3.17
C PRO A 17 -6.96 2.12 2.48
N ILE A 18 -5.90 2.38 1.69
CA ILE A 18 -5.17 1.32 0.98
C ILE A 18 -3.67 1.47 1.26
N CYS A 1 -3.54 -0.17 1.41
CA CYS A 1 -2.41 -0.53 2.28
C CYS A 1 -1.91 -1.93 1.91
N LYS A 2 -0.57 -2.05 1.77
CA LYS A 2 0.12 -3.31 1.42
C LYS A 2 -0.20 -3.76 -0.02
N ARG A 3 0.84 -3.76 -0.86
CA ARG A 3 0.71 -4.17 -2.26
C ARG A 3 1.80 -5.20 -2.62
N PRO A 4 1.43 -6.51 -2.77
CA PRO A 4 2.39 -7.60 -3.11
C PRO A 4 3.28 -7.32 -4.36
N PRO A 5 2.73 -6.80 -5.52
CA PRO A 5 3.55 -6.54 -6.71
C PRO A 5 4.33 -5.22 -6.64
N GLY A 6 5.65 -5.33 -6.45
CA GLY A 6 6.51 -4.17 -6.39
C GLY A 6 7.91 -4.53 -5.94
N PHE A 7 8.18 -4.35 -4.65
CA PHE A 7 9.48 -4.65 -4.03
C PHE A 7 9.33 -5.00 -2.56
N SER A 8 8.66 -4.11 -1.83
CA SER A 8 8.40 -4.28 -0.39
C SER A 8 6.97 -3.81 -0.03
N PRO A 9 6.43 -4.04 1.22
CA PRO A 9 5.06 -3.60 1.57
C PRO A 9 5.00 -2.13 2.03
N LEU A 10 4.18 -1.35 1.33
CA LEU A 10 4.00 0.07 1.64
C LEU A 10 2.52 0.44 1.67
N CYS A 11 2.16 1.37 2.55
CA CYS A 11 0.77 1.82 2.69
C CYS A 11 0.66 3.33 2.66
N THR A 12 -0.48 3.83 2.17
CA THR A 12 -0.77 5.24 2.08
C THR A 12 -1.46 5.74 3.34
N LYS A 13 -2.72 5.32 3.51
CA LYS A 13 -3.55 5.66 4.68
C LYS A 13 -4.59 4.56 4.96
N SER A 14 -4.56 3.50 4.11
CA SER A 14 -5.48 2.32 4.20
C SER A 14 -6.91 2.65 3.76
N ILE A 15 -7.43 3.77 4.25
CA ILE A 15 -8.79 4.23 3.94
C ILE A 15 -8.85 5.77 3.98
N PRO A 16 -9.41 6.46 2.94
CA PRO A 16 -9.99 5.85 1.70
C PRO A 16 -9.02 5.08 0.76
N PRO A 17 -7.69 5.45 0.62
CA PRO A 17 -6.75 4.73 -0.29
C PRO A 17 -6.55 3.23 0.04
N ILE A 18 -5.32 2.71 -0.12
CA ILE A 18 -5.04 1.29 0.12
C ILE A 18 -3.82 1.10 1.05
N CYS A 1 -2.79 1.24 0.07
CA CYS A 1 -1.33 1.30 0.15
C CYS A 1 -0.77 1.81 -1.19
N LYS A 2 -0.19 0.91 -1.99
CA LYS A 2 0.37 1.22 -3.31
C LYS A 2 0.13 0.05 -4.24
N ARG A 3 0.28 -1.15 -3.67
CA ARG A 3 0.08 -2.43 -4.38
C ARG A 3 -0.36 -3.51 -3.37
N PRO A 4 -0.93 -4.68 -3.84
CA PRO A 4 -1.38 -5.77 -2.92
C PRO A 4 -0.32 -6.20 -1.89
N PRO A 5 -0.70 -6.93 -0.79
CA PRO A 5 0.26 -7.36 0.27
C PRO A 5 1.46 -8.15 -0.27
N GLY A 6 2.66 -7.70 0.11
CA GLY A 6 3.89 -8.35 -0.32
C GLY A 6 4.98 -8.22 0.73
N PHE A 7 5.99 -7.40 0.44
CA PHE A 7 7.13 -7.16 1.35
C PHE A 7 7.79 -5.80 1.09
N SER A 8 7.73 -5.36 -0.16
CA SER A 8 8.33 -4.08 -0.57
C SER A 8 7.33 -2.90 -0.52
N PRO A 9 6.02 -3.06 -0.92
CA PRO A 9 5.05 -1.94 -0.89
C PRO A 9 4.74 -1.43 0.52
N LEU A 10 4.56 -0.11 0.63
CA LEU A 10 4.25 0.54 1.91
C LEU A 10 2.74 0.77 2.03
N CYS A 11 2.27 0.96 3.27
CA CYS A 11 0.84 1.18 3.52
C CYS A 11 0.58 2.41 4.39
N THR A 12 -0.63 2.97 4.25
CA THR A 12 -1.06 4.15 5.00
C THR A 12 -1.66 3.74 6.35
N LYS A 13 -2.80 3.04 6.28
CA LYS A 13 -3.53 2.56 7.46
C LYS A 13 -4.29 1.27 7.13
N SER A 14 -4.22 0.83 5.85
CA SER A 14 -4.88 -0.39 5.33
C SER A 14 -6.40 -0.24 5.18
N ILE A 15 -7.02 0.41 6.17
CA ILE A 15 -8.47 0.65 6.20
C ILE A 15 -8.80 1.88 7.08
N PRO A 16 -9.65 2.85 6.60
CA PRO A 16 -10.33 2.85 5.26
C PRO A 16 -9.40 2.93 4.00
N PRO A 17 -8.23 3.67 4.01
CA PRO A 17 -7.35 3.79 2.81
C PRO A 17 -6.79 2.44 2.30
N ILE A 18 -5.74 2.51 1.48
CA ILE A 18 -5.11 1.33 0.90
C ILE A 18 -3.58 1.41 1.14
N CYS A 1 -3.14 -0.25 0.79
CA CYS A 1 -1.86 -0.96 1.01
C CYS A 1 -1.58 -1.96 -0.11
N LYS A 2 -0.27 -2.22 -0.31
CA LYS A 2 0.21 -3.17 -1.35
C LYS A 2 -0.13 -2.69 -2.76
N ARG A 3 0.89 -2.28 -3.50
CA ARG A 3 0.72 -1.79 -4.87
C ARG A 3 1.70 -2.47 -5.86
N PRO A 4 3.06 -2.49 -5.59
CA PRO A 4 4.03 -3.14 -6.52
C PRO A 4 3.79 -4.66 -6.69
N PRO A 5 4.42 -5.34 -7.71
CA PRO A 5 4.24 -6.80 -7.93
C PRO A 5 4.79 -7.66 -6.79
N GLY A 6 5.61 -7.07 -5.92
CA GLY A 6 6.18 -7.78 -4.80
C GLY A 6 7.59 -7.34 -4.48
N PHE A 7 7.72 -6.23 -3.74
CA PHE A 7 9.01 -5.69 -3.36
C PHE A 7 9.05 -5.40 -1.85
N SER A 8 8.17 -4.50 -1.41
CA SER A 8 8.05 -4.12 0.01
C SER A 8 6.61 -3.64 0.31
N PRO A 9 6.18 -3.47 1.62
CA PRO A 9 4.82 -3.03 1.94
C PRO A 9 4.70 -1.50 2.04
N LEU A 10 3.67 -0.95 1.38
CA LEU A 10 3.43 0.50 1.39
C LEU A 10 1.95 0.80 1.62
N CYS A 11 1.67 1.82 2.42
CA CYS A 11 0.29 2.22 2.72
C CYS A 11 0.09 3.72 2.51
N THR A 12 -0.37 4.07 1.30
CA THR A 12 -0.64 5.45 0.91
C THR A 12 -2.13 5.74 0.98
N LYS A 13 -2.48 7.03 1.14
CA LYS A 13 -3.87 7.49 1.24
C LYS A 13 -4.54 6.85 2.47
N SER A 14 -4.58 7.62 3.56
CA SER A 14 -5.18 7.17 4.81
C SER A 14 -6.68 7.50 4.91
N ILE A 15 -7.26 8.06 3.83
CA ILE A 15 -8.69 8.42 3.82
C ILE A 15 -9.36 8.08 2.46
N PRO A 16 -9.78 6.79 2.21
CA PRO A 16 -9.61 5.66 3.15
C PRO A 16 -8.19 5.05 3.06
N PRO A 17 -7.80 4.01 3.87
CA PRO A 17 -6.43 3.44 3.80
C PRO A 17 -6.25 2.43 2.65
N ILE A 18 -5.08 2.50 2.03
CA ILE A 18 -4.71 1.61 0.92
C ILE A 18 -3.33 1.01 1.21
N CYS A 1 -3.18 -0.47 0.90
CA CYS A 1 -1.95 -1.21 1.22
C CYS A 1 -1.65 -2.27 0.16
N LYS A 2 -0.35 -2.44 -0.13
CA LYS A 2 0.16 -3.43 -1.12
C LYS A 2 -0.42 -3.20 -2.52
N ARG A 3 0.46 -2.79 -3.45
CA ARG A 3 0.07 -2.54 -4.85
C ARG A 3 1.10 -3.13 -5.84
N PRO A 4 2.44 -2.86 -5.69
CA PRO A 4 3.46 -3.39 -6.61
C PRO A 4 3.93 -4.80 -6.23
N PRO A 5 4.05 -5.75 -7.22
CA PRO A 5 4.49 -7.13 -6.93
C PRO A 5 6.01 -7.28 -6.75
N GLY A 6 6.77 -6.19 -6.97
CA GLY A 6 8.22 -6.22 -6.84
C GLY A 6 8.77 -5.24 -5.84
N PHE A 7 7.99 -4.94 -4.79
CA PHE A 7 8.41 -4.00 -3.73
C PHE A 7 7.92 -4.47 -2.36
N SER A 8 8.39 -3.80 -1.30
CA SER A 8 8.02 -4.13 0.08
C SER A 8 6.58 -3.64 0.40
N PRO A 9 5.94 -4.00 1.59
CA PRO A 9 4.57 -3.55 1.89
C PRO A 9 4.50 -2.13 2.44
N LEU A 10 3.73 -1.28 1.76
CA LEU A 10 3.55 0.12 2.14
C LEU A 10 2.08 0.51 2.04
N CYS A 11 1.67 1.55 2.77
CA CYS A 11 0.29 2.02 2.76
C CYS A 11 0.22 3.54 2.53
N THR A 12 -0.19 3.90 1.31
CA THR A 12 -0.33 5.28 0.90
C THR A 12 -1.78 5.72 0.97
N LYS A 13 -2.02 7.03 1.12
CA LYS A 13 -3.37 7.61 1.23
C LYS A 13 -4.10 7.05 2.46
N SER A 14 -4.05 7.83 3.55
CA SER A 14 -4.69 7.45 4.82
C SER A 14 -6.23 7.53 4.77
N ILE A 15 -6.77 8.21 3.74
CA ILE A 15 -8.23 8.37 3.60
C ILE A 15 -8.66 8.29 2.11
N PRO A 16 -9.20 7.11 1.63
CA PRO A 16 -9.40 5.88 2.44
C PRO A 16 -8.07 5.10 2.61
N PRO A 17 -8.01 3.95 3.37
CA PRO A 17 -6.74 3.21 3.55
C PRO A 17 -6.42 2.25 2.39
N ILE A 18 -5.17 2.29 1.96
CA ILE A 18 -4.69 1.43 0.87
C ILE A 18 -3.35 0.81 1.26
N CYS A 1 -3.16 -0.58 1.06
CA CYS A 1 -1.93 -1.34 1.24
C CYS A 1 -1.76 -2.38 0.14
N LYS A 2 -0.51 -2.84 -0.06
CA LYS A 2 -0.16 -3.84 -1.10
C LYS A 2 -0.39 -3.29 -2.51
N ARG A 3 0.64 -3.43 -3.36
CA ARG A 3 0.59 -2.93 -4.74
C ARG A 3 1.04 -4.03 -5.71
N PRO A 4 0.63 -3.96 -7.03
CA PRO A 4 1.00 -4.96 -8.06
C PRO A 4 2.46 -5.49 -8.00
N PRO A 5 3.53 -4.62 -7.85
CA PRO A 5 4.92 -5.11 -7.77
C PRO A 5 5.26 -5.73 -6.41
N GLY A 6 6.24 -6.63 -6.41
CA GLY A 6 6.66 -7.30 -5.18
C GLY A 6 7.88 -6.67 -4.54
N PHE A 7 7.89 -5.33 -4.46
CA PHE A 7 9.02 -4.59 -3.87
C PHE A 7 8.50 -3.43 -3.03
N SER A 8 9.19 -3.16 -1.90
CA SER A 8 8.85 -2.07 -0.95
C SER A 8 7.35 -2.07 -0.53
N PRO A 9 6.72 -3.24 -0.15
CA PRO A 9 5.29 -3.26 0.25
C PRO A 9 5.05 -2.65 1.64
N LEU A 10 4.17 -1.64 1.67
CA LEU A 10 3.81 -0.93 2.90
C LEU A 10 2.29 -0.68 2.95
N CYS A 11 1.82 -0.09 4.06
CA CYS A 11 0.39 0.20 4.23
C CYS A 11 0.20 1.66 4.64
N THR A 12 -0.51 2.41 3.79
CA THR A 12 -0.79 3.82 4.03
C THR A 12 -2.21 4.01 4.58
N LYS A 13 -2.38 5.06 5.38
CA LYS A 13 -3.68 5.37 5.99
C LYS A 13 -4.06 6.83 5.77
N SER A 14 -4.47 7.14 4.53
CA SER A 14 -4.90 8.48 4.15
C SER A 14 -6.41 8.65 4.32
N ILE A 15 -7.18 8.29 3.27
CA ILE A 15 -8.65 8.39 3.29
C ILE A 15 -9.25 7.80 1.97
N PRO A 16 -9.62 6.47 1.93
CA PRO A 16 -9.48 5.50 3.03
C PRO A 16 -8.06 4.86 3.06
N PRO A 17 -7.76 3.83 3.94
CA PRO A 17 -6.42 3.20 3.97
C PRO A 17 -6.21 2.18 2.85
N ILE A 18 -5.02 2.23 2.24
CA ILE A 18 -4.66 1.32 1.15
C ILE A 18 -3.29 0.69 1.43
N CYS A 1 -3.36 -0.86 0.81
CA CYS A 1 -2.39 -1.94 1.04
C CYS A 1 -2.32 -2.90 -0.14
N LYS A 2 -1.14 -3.55 -0.29
CA LYS A 2 -0.87 -4.52 -1.38
C LYS A 2 -0.94 -3.86 -2.77
N ARG A 3 0.20 -3.90 -3.47
CA ARG A 3 0.31 -3.32 -4.81
C ARG A 3 0.93 -4.33 -5.79
N PRO A 4 0.61 -4.24 -7.13
CA PRO A 4 1.16 -5.15 -8.16
C PRO A 4 2.67 -5.47 -8.04
N PRO A 5 3.60 -4.45 -7.85
CA PRO A 5 5.05 -4.72 -7.72
C PRO A 5 5.43 -5.21 -6.33
N GLY A 6 6.28 -6.25 -6.29
CA GLY A 6 6.73 -6.81 -5.03
C GLY A 6 8.13 -6.35 -4.64
N PHE A 7 8.37 -5.04 -4.76
CA PHE A 7 9.68 -4.46 -4.42
C PHE A 7 9.53 -3.16 -3.63
N SER A 8 8.37 -2.51 -3.78
CA SER A 8 8.09 -1.24 -3.10
C SER A 8 6.67 -1.24 -2.44
N PRO A 9 6.23 -2.33 -1.71
CA PRO A 9 4.90 -2.37 -1.08
C PRO A 9 4.85 -1.60 0.25
N LEU A 10 3.93 -0.63 0.32
CA LEU A 10 3.74 0.21 1.51
C LEU A 10 2.26 0.37 1.83
N CYS A 11 1.97 0.76 3.08
CA CYS A 11 0.59 0.96 3.53
C CYS A 11 0.42 2.31 4.22
N THR A 12 -0.31 3.21 3.56
CA THR A 12 -0.58 4.55 4.06
C THR A 12 -2.02 4.67 4.57
N LYS A 13 -2.26 5.67 5.43
CA LYS A 13 -3.59 5.90 5.98
C LYS A 13 -4.07 7.31 5.65
N SER A 14 -4.43 7.50 4.37
CA SER A 14 -4.92 8.79 3.87
C SER A 14 -6.42 8.95 4.13
N ILE A 15 -7.25 8.48 3.19
CA ILE A 15 -8.73 8.56 3.31
C ILE A 15 -9.42 7.79 2.15
N PRO A 16 -9.59 6.44 2.24
CA PRO A 16 -9.15 5.58 3.37
C PRO A 16 -7.72 5.00 3.14
N PRO A 17 -7.20 4.04 3.99
CA PRO A 17 -5.85 3.46 3.79
C PRO A 17 -5.79 2.49 2.60
N ILE A 18 -4.57 2.26 2.10
CA ILE A 18 -4.33 1.36 0.97
C ILE A 18 -3.23 0.36 1.33
N CYS A 1 -3.60 0.03 0.55
CA CYS A 1 -2.76 -1.12 0.92
C CYS A 1 -2.39 -1.93 -0.31
N LYS A 2 -1.14 -2.44 -0.33
CA LYS A 2 -0.59 -3.27 -1.44
C LYS A 2 -0.56 -2.51 -2.76
N ARG A 3 0.65 -2.27 -3.27
CA ARG A 3 0.85 -1.57 -4.54
C ARG A 3 1.95 -2.23 -5.40
N PRO A 4 3.17 -2.56 -4.84
CA PRO A 4 4.25 -3.20 -5.63
C PRO A 4 4.01 -4.70 -5.83
N PRO A 5 4.74 -5.36 -6.81
CA PRO A 5 4.59 -6.81 -7.08
C PRO A 5 4.94 -7.71 -5.89
N GLY A 6 5.70 -7.18 -4.94
CA GLY A 6 6.09 -7.95 -3.76
C GLY A 6 7.55 -7.78 -3.39
N PHE A 7 7.98 -6.52 -3.21
CA PHE A 7 9.37 -6.20 -2.85
C PHE A 7 9.43 -5.06 -1.85
N SER A 8 8.57 -4.06 -2.05
CA SER A 8 8.49 -2.89 -1.18
C SER A 8 7.02 -2.53 -0.83
N PRO A 9 6.14 -3.52 -0.44
CA PRO A 9 4.73 -3.22 -0.11
C PRO A 9 4.54 -2.66 1.30
N LEU A 10 3.75 -1.59 1.39
CA LEU A 10 3.45 -0.93 2.67
C LEU A 10 1.95 -0.66 2.77
N CYS A 11 1.38 -0.96 3.93
CA CYS A 11 -0.05 -0.76 4.16
C CYS A 11 -0.32 -0.01 5.45
N THR A 12 -1.36 0.82 5.43
CA THR A 12 -1.76 1.62 6.58
C THR A 12 -2.94 0.97 7.31
N LYS A 13 -4.09 0.91 6.62
CA LYS A 13 -5.32 0.31 7.16
C LYS A 13 -6.19 -0.26 6.03
N SER A 14 -5.71 -0.12 4.77
CA SER A 14 -6.40 -0.61 3.54
C SER A 14 -7.62 0.22 3.18
N ILE A 15 -8.45 0.53 4.17
CA ILE A 15 -9.68 1.32 3.98
C ILE A 15 -9.99 2.11 5.28
N PRO A 16 -10.29 3.45 5.20
CA PRO A 16 -10.33 4.27 3.95
C PRO A 16 -8.99 4.43 3.17
N PRO A 17 -7.75 4.44 3.80
CA PRO A 17 -6.47 4.60 3.05
C PRO A 17 -6.22 3.54 1.95
N ILE A 18 -4.93 3.22 1.70
CA ILE A 18 -4.56 2.26 0.65
C ILE A 18 -3.60 1.20 1.21
N CYS A 1 -3.61 -0.63 1.06
CA CYS A 1 -2.61 -1.66 1.37
C CYS A 1 -2.45 -2.64 0.21
N LYS A 2 -1.25 -3.25 0.13
CA LYS A 2 -0.89 -4.24 -0.91
C LYS A 2 -0.90 -3.62 -2.31
N ARG A 3 0.27 -3.65 -2.97
CA ARG A 3 0.43 -3.08 -4.32
C ARG A 3 1.13 -4.09 -5.25
N PRO A 4 1.01 -3.93 -6.61
CA PRO A 4 1.66 -4.86 -7.58
C PRO A 4 3.20 -4.78 -7.53
N PRO A 5 3.94 -5.76 -8.16
CA PRO A 5 5.42 -5.76 -8.16
C PRO A 5 6.03 -4.51 -8.82
N GLY A 6 7.26 -4.18 -8.42
CA GLY A 6 7.94 -3.02 -8.96
C GLY A 6 8.26 -1.98 -7.89
N PHE A 7 7.49 -2.00 -6.80
CA PHE A 7 7.69 -1.06 -5.69
C PHE A 7 7.75 -1.80 -4.35
N SER A 8 8.19 -1.10 -3.30
CA SER A 8 8.32 -1.68 -1.95
C SER A 8 6.93 -1.74 -1.25
N PRO A 9 6.75 -2.43 -0.05
CA PRO A 9 5.43 -2.51 0.62
C PRO A 9 5.11 -1.25 1.43
N LEU A 10 4.05 -0.55 1.02
CA LEU A 10 3.59 0.67 1.69
C LEU A 10 2.08 0.69 1.81
N CYS A 11 1.58 1.34 2.86
CA CYS A 11 0.13 1.44 3.10
C CYS A 11 -0.28 2.89 3.38
N THR A 12 -0.40 3.67 2.30
CA THR A 12 -0.79 5.09 2.39
C THR A 12 -1.53 5.56 1.13
N LYS A 13 -2.21 6.71 1.30
CA LYS A 13 -2.98 7.36 0.23
C LYS A 13 -3.49 8.73 0.73
N SER A 14 -4.71 8.74 1.28
CA SER A 14 -5.34 9.95 1.82
C SER A 14 -6.48 9.56 2.76
N ILE A 15 -7.55 8.99 2.17
CA ILE A 15 -8.74 8.54 2.91
C ILE A 15 -9.75 7.91 1.92
N PRO A 16 -10.17 6.62 2.13
CA PRO A 16 -9.72 5.73 3.25
C PRO A 16 -8.27 5.22 3.03
N PRO A 17 -7.70 4.31 3.90
CA PRO A 17 -6.31 3.82 3.73
C PRO A 17 -6.18 2.77 2.62
N ILE A 18 -4.94 2.53 2.17
CA ILE A 18 -4.65 1.57 1.11
C ILE A 18 -3.54 0.62 1.55
N CYS A 1 -3.36 -0.81 0.90
CA CYS A 1 -2.22 -1.69 1.19
C CYS A 1 -1.85 -2.51 -0.03
N LYS A 2 -0.55 -2.91 -0.10
CA LYS A 2 0.01 -3.71 -1.21
C LYS A 2 0.05 -2.91 -2.52
N ARG A 3 1.27 -2.59 -2.96
CA ARG A 3 1.48 -1.82 -4.18
C ARG A 3 2.51 -2.52 -5.09
N PRO A 4 2.57 -2.18 -6.43
CA PRO A 4 3.55 -2.80 -7.36
C PRO A 4 5.01 -2.62 -6.92
N PRO A 5 6.01 -3.36 -7.51
CA PRO A 5 7.43 -3.23 -7.14
C PRO A 5 8.00 -1.83 -7.37
N GLY A 6 8.69 -1.30 -6.35
CA GLY A 6 9.30 0.02 -6.44
C GLY A 6 10.62 0.09 -5.72
N PHE A 7 10.59 0.57 -4.47
CA PHE A 7 11.80 0.71 -3.65
C PHE A 7 11.58 0.09 -2.27
N SER A 8 10.48 0.47 -1.63
CA SER A 8 10.12 -0.02 -0.29
C SER A 8 8.59 -0.27 -0.20
N PRO A 9 8.03 -0.93 0.88
CA PRO A 9 6.58 -1.17 0.99
C PRO A 9 5.83 0.02 1.59
N LEU A 10 4.67 0.35 0.98
CA LEU A 10 3.84 1.46 1.44
C LEU A 10 2.37 1.05 1.48
N CYS A 11 1.62 1.65 2.40
CA CYS A 11 0.19 1.35 2.54
C CYS A 11 -0.65 2.64 2.58
N THR A 12 -0.67 3.37 1.45
CA THR A 12 -1.44 4.61 1.31
C THR A 12 -1.69 4.94 -0.15
N LYS A 13 -2.81 5.63 -0.41
CA LYS A 13 -3.19 6.04 -1.76
C LYS A 13 -3.66 7.50 -1.74
N SER A 14 -4.77 7.73 -1.02
CA SER A 14 -5.37 9.06 -0.86
C SER A 14 -6.33 9.06 0.34
N ILE A 15 -7.47 8.39 0.16
CA ILE A 15 -8.51 8.27 1.20
C ILE A 15 -9.67 7.39 0.67
N PRO A 16 -10.08 6.30 1.39
CA PRO A 16 -9.48 5.84 2.68
C PRO A 16 -8.07 5.21 2.48
N PRO A 17 -7.40 4.60 3.53
CA PRO A 17 -6.05 4.00 3.37
C PRO A 17 -6.07 2.74 2.50
N ILE A 18 -4.90 2.38 1.96
CA ILE A 18 -4.76 1.21 1.11
C ILE A 18 -3.53 0.38 1.52
#